data_8CQT
#
_entry.id   8CQT
#
_cell.length_a   56.626
_cell.length_b   65.333
_cell.length_c   90.543
_cell.angle_alpha   90.000
_cell.angle_beta   90.000
_cell.angle_gamma   90.000
#
_symmetry.space_group_name_H-M   'P 21 21 21'
#
loop_
_entity.id
_entity.type
_entity.pdbx_description
1 polymer 'Putative NADH dehydrogenase/NAD(P)H nitroreductase'
2 non-polymer 'FLAVIN MONONUCLEOTIDE'
3 non-polymer 'CHLORIDE ION'
4 water water
#
_entity_poly.entity_id   1
_entity_poly.type   'polypeptide(L)'
_entity_poly.pdbx_seq_one_letter_code
;GPMDFLQLVLSRQSDRAYDKGRPVEAEKLERILEAARLSPSACNAQPWKFVVVTDHELALKVGRAAAGLGMNKFAKDAPV
HILIVEESANITSLLGGKVKDKHFPLIDIGIAAAHITLAAESEGLGSCILGWFDEKEIKQLTGIPASKRLLLDIAIGYPV
KEKRKKMRKTKEKVISYNRY
;
_entity_poly.pdbx_strand_id   A,B
#
# COMPACT_ATOMS: atom_id res chain seq x y z
N ASP A 4 0.04 -18.70 2.65
CA ASP A 4 0.52 -17.66 3.61
C ASP A 4 0.61 -16.27 2.93
N PHE A 5 0.40 -15.25 3.75
CA PHE A 5 0.48 -13.89 3.32
C PHE A 5 1.91 -13.61 2.88
N LEU A 6 2.87 -14.12 3.63
CA LEU A 6 4.28 -13.87 3.35
C LEU A 6 4.76 -14.49 2.03
N GLN A 7 4.26 -15.67 1.70
CA GLN A 7 4.52 -16.25 0.40
C GLN A 7 3.90 -15.38 -0.70
N LEU A 8 2.68 -14.85 -0.51
CA LEU A 8 2.11 -13.91 -1.47
C LEU A 8 3.00 -12.66 -1.64
N VAL A 9 3.50 -12.07 -0.54
CA VAL A 9 4.35 -10.91 -0.60
C VAL A 9 5.62 -11.21 -1.42
N LEU A 10 6.21 -12.39 -1.23
CA LEU A 10 7.47 -12.82 -1.84
C LEU A 10 7.30 -13.11 -3.35
N SER A 11 6.14 -13.69 -3.73
CA SER A 11 5.91 -14.10 -5.10
C SER A 11 5.49 -12.89 -5.93
N ARG A 12 4.83 -11.89 -5.34
CA ARG A 12 4.46 -10.68 -6.07
C ARG A 12 5.73 -9.95 -6.48
N GLN A 13 5.87 -9.65 -7.77
CA GLN A 13 7.01 -8.93 -8.31
C GLN A 13 6.57 -8.05 -9.48
N SER A 14 7.49 -7.19 -9.95
CA SER A 14 7.21 -6.37 -11.12
C SER A 14 7.48 -7.23 -12.34
N ASP A 15 6.38 -7.62 -12.99
CA ASP A 15 6.46 -8.41 -14.21
C ASP A 15 6.63 -7.43 -15.36
N ARG A 16 7.69 -7.63 -16.16
CA ARG A 16 8.05 -6.74 -17.28
C ARG A 16 8.02 -7.56 -18.59
N ALA A 17 7.11 -8.53 -18.66
CA ALA A 17 6.79 -9.21 -19.89
C ALA A 17 5.43 -9.87 -19.76
N TYR A 18 4.59 -9.72 -20.79
CA TYR A 18 3.22 -10.25 -20.75
C TYR A 18 2.92 -11.02 -22.02
N ASP A 19 2.04 -12.02 -21.86
CA ASP A 19 1.42 -12.74 -22.96
C ASP A 19 0.35 -11.88 -23.61
N LYS A 20 0.64 -11.36 -24.78
CA LYS A 20 -0.10 -10.31 -25.48
C LYS A 20 -1.50 -10.78 -25.87
N GLY A 21 -1.59 -12.04 -26.35
CA GLY A 21 -2.85 -12.57 -26.83
C GLY A 21 -3.75 -13.16 -25.72
N ARG A 22 -3.37 -13.00 -24.46
CA ARG A 22 -4.04 -13.74 -23.41
C ARG A 22 -4.88 -12.82 -22.51
N PRO A 23 -6.23 -12.94 -22.57
CA PRO A 23 -7.14 -12.00 -21.91
C PRO A 23 -7.16 -12.23 -20.40
N VAL A 24 -7.37 -11.16 -19.65
CA VAL A 24 -7.76 -11.22 -18.25
C VAL A 24 -9.29 -11.36 -18.11
N GLU A 25 -9.71 -12.43 -17.44
CA GLU A 25 -11.10 -12.76 -17.12
C GLU A 25 -11.71 -11.67 -16.24
N ALA A 26 -13.02 -11.35 -16.54
CA ALA A 26 -13.70 -10.22 -15.96
C ALA A 26 -13.82 -10.41 -14.43
N GLU A 27 -14.08 -11.64 -13.98
CA GLU A 27 -14.25 -11.94 -12.56
C GLU A 27 -12.94 -11.75 -11.78
N LYS A 28 -11.78 -12.06 -12.42
CA LYS A 28 -10.51 -11.80 -11.76
C LYS A 28 -10.26 -10.31 -11.59
N LEU A 29 -10.56 -9.54 -12.62
CA LEU A 29 -10.31 -8.10 -12.57
C LEU A 29 -11.20 -7.43 -11.55
N GLU A 30 -12.49 -7.80 -11.57
CA GLU A 30 -13.44 -7.32 -10.57
C GLU A 30 -12.96 -7.62 -9.14
N ARG A 31 -12.33 -8.78 -8.87
CA ARG A 31 -11.88 -9.01 -7.51
C ARG A 31 -10.68 -8.11 -7.23
N ILE A 32 -9.84 -7.79 -8.24
CA ILE A 32 -8.71 -6.90 -8.02
C ILE A 32 -9.19 -5.49 -7.66
N LEU A 33 -10.21 -4.99 -8.36
CA LEU A 33 -10.75 -3.65 -8.13
C LEU A 33 -11.56 -3.54 -6.84
N GLU A 34 -12.17 -4.63 -6.45
CA GLU A 34 -12.78 -4.67 -5.14
C GLU A 34 -11.68 -4.51 -4.07
N ALA A 35 -10.54 -5.22 -4.21
CA ALA A 35 -9.49 -5.08 -3.23
C ALA A 35 -9.07 -3.62 -3.19
N ALA A 36 -8.93 -3.00 -4.36
CA ALA A 36 -8.54 -1.59 -4.42
C ALA A 36 -9.53 -0.68 -3.67
N ARG A 37 -10.84 -0.91 -3.90
CA ARG A 37 -11.89 0.00 -3.41
C ARG A 37 -11.94 -0.05 -1.86
N LEU A 38 -11.67 -1.24 -1.36
CA LEU A 38 -11.71 -1.55 0.06
C LEU A 38 -10.46 -1.09 0.81
N SER A 39 -9.43 -0.59 0.13
CA SER A 39 -8.27 0.04 0.77
C SER A 39 -8.64 1.04 1.86
N PRO A 40 -7.86 1.09 2.94
CA PRO A 40 -7.95 2.19 3.88
C PRO A 40 -7.35 3.47 3.28
N SER A 41 -7.75 4.60 3.89
CA SER A 41 -7.35 5.94 3.50
C SER A 41 -7.56 6.88 4.68
N ALA A 42 -6.68 7.90 4.88
CA ALA A 42 -6.88 8.88 5.94
C ALA A 42 -8.28 9.47 5.81
N CYS A 43 -9.01 9.51 6.93
CA CYS A 43 -10.36 10.07 7.05
C CYS A 43 -11.32 9.23 6.24
N ASN A 44 -10.91 8.05 5.77
CA ASN A 44 -11.75 7.30 4.81
C ASN A 44 -12.16 8.20 3.63
N ALA A 45 -11.28 9.10 3.20
CA ALA A 45 -11.54 10.01 2.10
C ALA A 45 -11.53 9.31 0.76
N GLN A 46 -10.85 8.16 0.64
CA GLN A 46 -10.88 7.41 -0.62
C GLN A 46 -10.65 8.31 -1.85
N PRO A 47 -9.53 9.05 -1.89
CA PRO A 47 -9.40 10.16 -2.84
C PRO A 47 -8.79 9.68 -4.15
N TRP A 48 -9.46 8.70 -4.79
CA TRP A 48 -8.96 7.98 -5.94
C TRP A 48 -10.13 7.73 -6.92
N LYS A 49 -9.76 7.55 -8.17
CA LYS A 49 -10.61 6.90 -9.16
C LYS A 49 -9.72 5.99 -10.01
N PHE A 50 -10.15 4.76 -10.21
CA PHE A 50 -9.49 3.77 -10.99
C PHE A 50 -10.15 3.69 -12.34
N VAL A 51 -9.40 4.11 -13.38
CA VAL A 51 -9.87 4.03 -14.77
C VAL A 51 -9.20 2.82 -15.40
N VAL A 52 -10.02 1.81 -15.60
CA VAL A 52 -9.58 0.48 -15.94
C VAL A 52 -9.73 0.35 -17.47
N VAL A 53 -8.58 0.24 -18.13
CA VAL A 53 -8.51 0.10 -19.56
C VAL A 53 -8.43 -1.39 -19.85
N THR A 54 -9.49 -1.91 -20.51
CA THR A 54 -9.64 -3.30 -20.92
C THR A 54 -9.86 -3.43 -22.41
N ASP A 55 -10.19 -2.32 -23.08
CA ASP A 55 -10.43 -2.39 -24.53
C ASP A 55 -9.08 -2.66 -25.19
N HIS A 56 -9.02 -3.68 -26.08
CA HIS A 56 -7.81 -4.17 -26.69
C HIS A 56 -7.03 -3.02 -27.34
N GLU A 57 -7.71 -2.24 -28.19
CA GLU A 57 -7.08 -1.14 -28.95
C GLU A 57 -6.65 -0.02 -27.99
N LEU A 58 -7.56 0.36 -27.06
CA LEU A 58 -7.17 1.36 -26.09
C LEU A 58 -5.96 0.95 -25.22
N ALA A 59 -5.93 -0.27 -24.73
CA ALA A 59 -4.85 -0.79 -23.91
C ALA A 59 -3.51 -0.76 -24.64
N LEU A 60 -3.56 -0.98 -25.94
CA LEU A 60 -2.35 -0.95 -26.77
C LEU A 60 -1.81 0.47 -26.74
N LYS A 61 -2.74 1.42 -26.90
CA LYS A 61 -2.35 2.82 -27.01
C LYS A 61 -1.88 3.34 -25.65
N VAL A 62 -2.56 2.92 -24.58
CA VAL A 62 -2.14 3.36 -23.25
C VAL A 62 -0.74 2.83 -22.95
N GLY A 63 -0.53 1.55 -23.21
CA GLY A 63 0.76 0.93 -22.96
C GLY A 63 1.89 1.53 -23.79
N ARG A 64 1.59 1.93 -25.02
CA ARG A 64 2.59 2.64 -25.85
C ARG A 64 2.93 4.00 -25.24
N ALA A 65 1.93 4.70 -24.69
CA ALA A 65 2.16 6.02 -24.11
C ALA A 65 2.85 5.89 -22.76
N ALA A 66 2.90 4.66 -22.19
CA ALA A 66 3.68 4.48 -20.99
C ALA A 66 5.18 4.26 -21.27
N ALA A 67 5.56 3.93 -22.52
CA ALA A 67 6.91 3.64 -22.94
C ALA A 67 7.61 4.94 -23.29
N GLY A 68 8.91 4.91 -23.10
CA GLY A 68 9.74 6.04 -23.47
C GLY A 68 11.10 5.93 -22.81
N LEU A 69 12.07 6.55 -23.46
CA LEU A 69 13.41 6.72 -22.92
C LEU A 69 13.99 5.37 -22.54
N GLY A 70 13.69 4.32 -23.33
CA GLY A 70 14.15 2.96 -23.02
C GLY A 70 13.37 2.21 -21.94
N MET A 71 12.36 2.83 -21.30
CA MET A 71 11.64 2.19 -20.20
C MET A 71 10.26 1.70 -20.69
N ASN A 72 9.69 0.72 -19.99
CA ASN A 72 8.25 0.42 -20.06
C ASN A 72 7.81 -0.08 -21.44
N LYS A 73 8.74 -0.61 -22.27
CA LYS A 73 8.43 -1.17 -23.58
C LYS A 73 7.41 -2.32 -23.49
N PHE A 74 7.45 -3.06 -22.38
CA PHE A 74 6.57 -4.20 -22.19
C PHE A 74 5.12 -3.73 -21.91
N ALA A 75 4.89 -2.45 -21.56
CA ALA A 75 3.55 -2.04 -21.11
C ALA A 75 2.47 -2.26 -22.18
N LYS A 76 2.81 -2.10 -23.45
CA LYS A 76 1.90 -2.30 -24.55
C LYS A 76 1.43 -3.74 -24.73
N ASP A 77 2.13 -4.68 -24.09
CA ASP A 77 1.76 -6.08 -24.14
C ASP A 77 0.77 -6.47 -23.05
N ALA A 78 0.66 -5.66 -21.97
CA ALA A 78 -0.28 -5.98 -20.91
C ALA A 78 -1.67 -5.68 -21.43
N PRO A 79 -2.63 -6.62 -21.39
CA PRO A 79 -4.01 -6.34 -21.86
C PRO A 79 -4.86 -5.47 -20.93
N VAL A 80 -4.43 -5.26 -19.68
CA VAL A 80 -5.18 -4.38 -18.76
C VAL A 80 -4.28 -3.35 -18.10
N HIS A 81 -4.79 -2.13 -17.98
CA HIS A 81 -4.05 -0.99 -17.41
C HIS A 81 -5.00 -0.29 -16.43
N ILE A 82 -4.66 -0.36 -15.14
CA ILE A 82 -5.44 0.32 -14.13
C ILE A 82 -4.81 1.66 -13.80
N LEU A 83 -5.42 2.72 -14.31
CA LEU A 83 -4.95 4.09 -14.11
C LEU A 83 -5.51 4.64 -12.80
N ILE A 84 -4.64 5.12 -11.92
CA ILE A 84 -5.08 5.68 -10.67
C ILE A 84 -4.93 7.21 -10.71
N VAL A 85 -6.07 7.87 -10.62
CA VAL A 85 -6.23 9.32 -10.64
C VAL A 85 -6.52 9.81 -9.23
N GLU A 86 -5.78 10.85 -8.83
CA GLU A 86 -6.01 11.47 -7.55
C GLU A 86 -7.31 12.30 -7.61
N GLU A 87 -8.18 12.08 -6.61
CA GLU A 87 -9.42 12.84 -6.50
C GLU A 87 -9.30 13.70 -5.23
N SER A 88 -8.68 14.89 -5.44
CA SER A 88 -8.26 15.89 -4.45
C SER A 88 -8.11 15.27 -3.06
N HIS A 103 0.10 14.93 -0.07
CA HIS A 103 0.21 14.38 1.30
C HIS A 103 -0.59 13.07 1.45
N PHE A 104 -1.67 13.03 2.25
CA PHE A 104 -2.35 11.75 2.52
C PHE A 104 -2.84 11.07 1.26
N PRO A 105 -3.38 11.81 0.24
CA PRO A 105 -3.78 11.18 -1.02
C PRO A 105 -2.68 10.30 -1.59
N LEU A 106 -1.41 10.75 -1.53
CA LEU A 106 -0.30 9.98 -2.07
C LEU A 106 -0.05 8.72 -1.27
N ILE A 107 -0.10 8.84 0.07
CA ILE A 107 0.02 7.66 0.91
C ILE A 107 -1.12 6.70 0.55
N ASP A 108 -2.33 7.25 0.45
CA ASP A 108 -3.54 6.47 0.18
C ASP A 108 -3.41 5.69 -1.14
N ILE A 109 -2.89 6.34 -2.17
CA ILE A 109 -2.75 5.70 -3.48
C ILE A 109 -1.67 4.62 -3.50
N GLY A 110 -0.63 4.75 -2.70
CA GLY A 110 0.33 3.65 -2.45
C GLY A 110 -0.38 2.43 -1.81
N ILE A 111 -1.20 2.68 -0.78
CA ILE A 111 -2.06 1.67 -0.18
C ILE A 111 -2.84 0.92 -1.24
N ALA A 112 -3.54 1.65 -2.08
CA ALA A 112 -4.36 1.02 -3.10
C ALA A 112 -3.52 0.24 -4.11
N ALA A 113 -2.36 0.75 -4.52
CA ALA A 113 -1.48 0.03 -5.41
C ALA A 113 -1.01 -1.31 -4.82
N ALA A 114 -0.65 -1.33 -3.53
CA ALA A 114 -0.28 -2.56 -2.87
C ALA A 114 -1.47 -3.53 -2.94
N HIS A 115 -2.67 -3.04 -2.67
CA HIS A 115 -3.85 -3.94 -2.70
C HIS A 115 -4.15 -4.49 -4.11
N ILE A 116 -3.96 -3.67 -5.14
CA ILE A 116 -4.13 -4.12 -6.52
C ILE A 116 -3.11 -5.18 -6.89
N THR A 117 -1.80 -4.93 -6.62
CA THR A 117 -0.81 -5.85 -7.10
C THR A 117 -0.81 -7.15 -6.28
N LEU A 118 -1.08 -7.10 -4.96
CA LEU A 118 -1.18 -8.31 -4.18
C LEU A 118 -2.40 -9.12 -4.65
N ALA A 119 -3.51 -8.43 -4.96
CA ALA A 119 -4.72 -9.11 -5.43
C ALA A 119 -4.44 -9.78 -6.79
N ALA A 120 -3.77 -9.06 -7.71
CA ALA A 120 -3.39 -9.60 -9.00
C ALA A 120 -2.57 -10.90 -8.79
N GLU A 121 -1.56 -10.87 -7.92
CA GLU A 121 -0.74 -12.05 -7.71
C GLU A 121 -1.57 -13.19 -7.08
N SER A 122 -2.51 -12.89 -6.16
CA SER A 122 -3.31 -13.94 -5.53
C SER A 122 -4.21 -14.61 -6.58
N GLU A 123 -4.49 -13.92 -7.70
CA GLU A 123 -5.31 -14.44 -8.80
C GLU A 123 -4.45 -15.09 -9.91
N GLY A 124 -3.14 -15.27 -9.72
CA GLY A 124 -2.32 -15.94 -10.72
C GLY A 124 -1.92 -14.97 -11.84
N LEU A 125 -2.10 -13.65 -11.63
CA LEU A 125 -1.81 -12.68 -12.66
C LEU A 125 -0.56 -11.91 -12.29
N GLY A 126 0.13 -11.44 -13.31
CA GLY A 126 1.29 -10.57 -13.14
C GLY A 126 0.87 -9.11 -13.12
N SER A 127 1.76 -8.24 -12.59
CA SER A 127 1.46 -6.83 -12.54
C SER A 127 2.76 -6.03 -12.57
N CYS A 128 2.65 -4.76 -12.87
CA CYS A 128 3.76 -3.84 -12.70
C CYS A 128 3.18 -2.47 -12.49
N ILE A 129 3.55 -1.86 -11.34
CA ILE A 129 3.25 -0.46 -11.08
C ILE A 129 4.16 0.40 -11.94
N LEU A 130 3.58 1.38 -12.66
CA LEU A 130 4.34 2.34 -13.49
C LEU A 130 4.07 3.75 -12.98
N GLY A 131 5.15 4.42 -12.54
CA GLY A 131 5.14 5.81 -12.12
C GLY A 131 5.58 6.81 -13.21
N TRP A 132 6.17 6.23 -14.25
CA TRP A 132 6.72 6.90 -15.40
C TRP A 132 5.91 6.52 -16.63
N PHE A 133 5.42 7.57 -17.27
CA PHE A 133 4.55 7.43 -18.42
C PHE A 133 4.32 8.84 -18.96
N ASP A 134 3.73 8.94 -20.15
CA ASP A 134 3.31 10.22 -20.71
C ASP A 134 1.88 10.52 -20.21
N GLU A 135 1.85 11.20 -19.10
CA GLU A 135 0.64 11.55 -18.36
C GLU A 135 -0.37 12.28 -19.24
N LYS A 136 0.11 13.31 -19.97
CA LYS A 136 -0.73 14.09 -20.87
C LYS A 136 -1.47 13.21 -21.89
N GLU A 137 -0.72 12.38 -22.61
CA GLU A 137 -1.29 11.52 -23.65
C GLU A 137 -2.25 10.48 -23.06
N ILE A 138 -1.91 9.89 -21.89
CA ILE A 138 -2.76 8.83 -21.36
C ILE A 138 -4.06 9.48 -20.91
N LYS A 139 -3.97 10.66 -20.30
CA LYS A 139 -5.15 11.42 -19.94
C LYS A 139 -6.00 11.77 -21.17
N GLN A 140 -5.39 12.19 -22.28
CA GLN A 140 -6.17 12.48 -23.49
C GLN A 140 -6.84 11.20 -23.97
N LEU A 141 -6.15 10.06 -23.96
CA LEU A 141 -6.70 8.82 -24.50
C LEU A 141 -7.92 8.35 -23.73
N THR A 142 -7.98 8.67 -22.42
CA THR A 142 -9.01 8.12 -21.54
C THR A 142 -10.00 9.19 -21.05
N GLY A 143 -9.87 10.46 -21.49
CA GLY A 143 -10.82 11.51 -21.09
C GLY A 143 -10.63 11.97 -19.65
N ILE A 144 -9.45 11.74 -19.08
CA ILE A 144 -9.22 12.26 -17.71
C ILE A 144 -8.99 13.75 -17.85
N PRO A 145 -9.67 14.65 -17.11
CA PRO A 145 -9.39 16.09 -17.22
C PRO A 145 -7.91 16.42 -16.98
N ALA A 146 -7.40 17.38 -17.75
CA ALA A 146 -6.04 17.91 -17.65
C ALA A 146 -5.70 18.31 -16.22
N SER A 147 -6.70 18.73 -15.41
CA SER A 147 -6.44 19.25 -14.08
C SER A 147 -6.40 18.13 -13.04
N LYS A 148 -6.73 16.87 -13.43
CA LYS A 148 -6.62 15.77 -12.48
C LYS A 148 -5.24 15.15 -12.64
N ARG A 149 -4.60 14.75 -11.52
CA ARG A 149 -3.29 14.13 -11.56
C ARG A 149 -3.47 12.63 -11.71
N LEU A 150 -2.89 12.09 -12.81
CA LEU A 150 -2.81 10.67 -13.00
C LEU A 150 -1.48 10.22 -12.41
N LEU A 151 -1.52 9.36 -11.42
CA LEU A 151 -0.34 9.12 -10.61
C LEU A 151 0.34 7.80 -10.97
N LEU A 152 -0.44 6.77 -11.29
CA LEU A 152 0.14 5.47 -11.55
C LEU A 152 -0.69 4.80 -12.64
N ASP A 153 -0.01 3.97 -13.43
CA ASP A 153 -0.65 2.97 -14.24
C ASP A 153 -0.16 1.61 -13.75
N ILE A 154 -1.10 0.74 -13.37
CA ILE A 154 -0.78 -0.61 -13.03
C ILE A 154 -1.19 -1.52 -14.19
N ALA A 155 -0.16 -2.02 -14.87
CA ALA A 155 -0.31 -3.04 -15.89
C ALA A 155 -0.62 -4.39 -15.25
N ILE A 156 -1.54 -5.12 -15.89
CA ILE A 156 -2.05 -6.39 -15.39
C ILE A 156 -2.08 -7.33 -16.58
N GLY A 157 -1.56 -8.55 -16.39
CA GLY A 157 -1.74 -9.58 -17.38
C GLY A 157 -1.08 -10.89 -16.93
N TYR A 158 -1.14 -11.92 -17.77
CA TYR A 158 -0.45 -13.17 -17.46
C TYR A 158 1.04 -12.99 -17.76
N PRO A 159 1.93 -13.45 -16.85
CA PRO A 159 3.38 -13.32 -17.02
C PRO A 159 3.95 -14.44 -17.89
N VAL A 160 5.09 -14.16 -18.53
CA VAL A 160 5.81 -15.15 -19.32
C VAL A 160 7.21 -15.37 -18.77
N LYS A 161 7.75 -14.49 -17.90
CA LYS A 161 9.08 -14.71 -17.33
C LYS A 161 8.96 -15.15 -15.88
N GLU A 162 10.05 -15.73 -15.37
CA GLU A 162 10.10 -16.43 -14.10
C GLU A 162 10.16 -15.44 -12.94
N LYS A 163 10.03 -15.95 -11.71
CA LYS A 163 10.18 -15.14 -10.52
C LYS A 163 11.68 -14.96 -10.33
N ARG A 164 12.13 -13.70 -10.46
CA ARG A 164 13.45 -13.24 -10.08
C ARG A 164 13.57 -13.20 -8.56
N LYS A 165 14.81 -13.27 -8.08
CA LYS A 165 15.06 -13.12 -6.64
C LYS A 165 15.03 -11.62 -6.29
N LYS A 166 14.44 -11.34 -5.12
CA LYS A 166 14.26 -10.01 -4.60
C LYS A 166 15.58 -9.39 -4.16
N MET A 167 15.74 -8.10 -4.46
CA MET A 167 16.79 -7.35 -3.84
C MET A 167 16.11 -6.29 -2.95
N ARG A 168 16.49 -6.31 -1.68
CA ARG A 168 16.08 -5.35 -0.67
C ARG A 168 17.31 -4.98 0.17
N LYS A 169 17.37 -3.73 0.64
CA LYS A 169 18.26 -3.29 1.68
C LYS A 169 18.30 -4.27 2.86
N THR A 170 19.43 -4.29 3.60
CA THR A 170 19.59 -5.16 4.75
C THR A 170 18.66 -4.69 5.87
N LYS A 171 18.34 -5.59 6.79
CA LYS A 171 17.44 -5.32 7.90
C LYS A 171 17.90 -4.10 8.67
N GLU A 172 19.21 -3.99 8.86
CA GLU A 172 19.78 -2.99 9.74
C GLU A 172 19.62 -1.60 9.15
N LYS A 173 19.58 -1.50 7.81
CA LYS A 173 19.38 -0.21 7.19
C LYS A 173 17.91 0.23 7.33
N VAL A 174 16.95 -0.70 7.37
CA VAL A 174 15.54 -0.32 7.26
C VAL A 174 14.73 -0.51 8.54
N ILE A 175 15.26 -1.27 9.50
CA ILE A 175 14.58 -1.66 10.73
C ILE A 175 15.52 -1.42 11.91
N SER A 176 15.05 -0.65 12.90
CA SER A 176 15.63 -0.64 14.24
C SER A 176 14.53 -0.76 15.29
N TYR A 177 14.94 -1.26 16.45
CA TYR A 177 14.04 -1.54 17.56
C TYR A 177 14.23 -0.50 18.66
N ASN A 178 13.12 0.09 19.12
CA ASN A 178 13.11 0.92 20.31
C ASN A 178 14.07 2.11 20.20
N ARG A 179 14.49 2.50 18.98
CA ARG A 179 15.70 3.30 18.78
C ARG A 179 15.74 3.70 17.31
N TYR A 180 16.06 4.94 16.90
CA TYR A 180 16.36 5.21 15.49
C TYR A 180 17.76 4.71 15.08
N MET B 3 -10.06 -14.57 -3.19
CA MET B 3 -10.91 -15.54 -2.44
C MET B 3 -10.51 -15.42 -0.96
N ASP B 4 -9.33 -15.94 -0.66
CA ASP B 4 -8.63 -15.74 0.58
C ASP B 4 -8.11 -14.30 0.62
N PHE B 5 -7.58 -13.75 -0.47
CA PHE B 5 -6.91 -12.46 -0.36
C PHE B 5 -8.00 -11.43 -0.05
N LEU B 6 -9.12 -11.56 -0.76
CA LEU B 6 -10.24 -10.65 -0.55
C LEU B 6 -10.87 -10.76 0.85
N GLN B 7 -10.98 -11.96 1.41
CA GLN B 7 -11.39 -12.13 2.78
C GLN B 7 -10.45 -11.39 3.74
N LEU B 8 -9.11 -11.46 3.52
CA LEU B 8 -8.12 -10.76 4.33
C LEU B 8 -8.35 -9.24 4.20
N VAL B 9 -8.53 -8.72 2.99
CA VAL B 9 -8.78 -7.29 2.75
C VAL B 9 -10.04 -6.80 3.48
N LEU B 10 -11.08 -7.63 3.56
CA LEU B 10 -12.32 -7.26 4.25
C LEU B 10 -12.22 -7.34 5.77
N SER B 11 -11.40 -8.25 6.30
CA SER B 11 -11.34 -8.42 7.73
C SER B 11 -10.37 -7.40 8.34
N ARG B 12 -9.34 -6.99 7.58
CA ARG B 12 -8.43 -5.97 8.07
C ARG B 12 -9.22 -4.67 8.23
N GLN B 13 -9.09 -4.02 9.38
CA GLN B 13 -9.78 -2.79 9.73
C GLN B 13 -8.91 -1.99 10.70
N SER B 14 -9.32 -0.76 10.90
CA SER B 14 -8.70 0.14 11.86
C SER B 14 -9.28 -0.17 13.22
N ASP B 15 -8.43 -0.83 14.01
CA ASP B 15 -8.75 -1.23 15.37
C ASP B 15 -8.38 -0.08 16.28
N ARG B 16 -9.38 0.40 17.07
CA ARG B 16 -9.28 1.58 17.94
C ARG B 16 -9.50 1.17 19.39
N ALA B 17 -9.10 -0.05 19.74
CA ALA B 17 -8.98 -0.44 21.14
C ALA B 17 -8.04 -1.65 21.20
N TYR B 18 -7.18 -1.70 22.22
CA TYR B 18 -6.22 -2.78 22.35
C TYR B 18 -6.25 -3.40 23.74
N ASP B 19 -5.93 -4.69 23.79
CA ASP B 19 -5.73 -5.42 25.02
C ASP B 19 -4.34 -5.14 25.58
N LYS B 20 -4.30 -4.38 26.68
CA LYS B 20 -3.11 -3.66 27.08
C LYS B 20 -2.07 -4.62 27.69
N GLY B 21 -2.52 -5.68 28.37
CA GLY B 21 -1.63 -6.60 29.03
C GLY B 21 -1.23 -7.81 28.16
N ARG B 22 -1.64 -7.83 26.88
CA ARG B 22 -1.32 -8.98 26.04
C ARG B 22 -0.26 -8.61 24.99
N PRO B 23 0.99 -9.12 25.15
CA PRO B 23 2.09 -8.74 24.28
C PRO B 23 1.96 -9.43 22.92
N VAL B 24 2.70 -8.83 21.99
CA VAL B 24 2.78 -9.32 20.63
C VAL B 24 3.99 -10.22 20.54
N GLU B 25 3.74 -11.47 20.10
CA GLU B 25 4.79 -12.48 19.96
C GLU B 25 5.81 -11.90 18.99
N ALA B 26 7.08 -12.04 19.35
CA ALA B 26 8.21 -11.57 18.58
C ALA B 26 8.21 -12.17 17.18
N GLU B 27 7.83 -13.44 17.04
CA GLU B 27 7.84 -14.11 15.75
C GLU B 27 6.76 -13.51 14.84
N LYS B 28 5.65 -13.01 15.42
CA LYS B 28 4.60 -12.39 14.62
C LYS B 28 5.08 -11.04 14.13
N LEU B 29 5.74 -10.28 15.02
CA LEU B 29 6.31 -8.97 14.68
C LEU B 29 7.31 -9.11 13.54
N GLU B 30 8.18 -10.11 13.67
CA GLU B 30 9.20 -10.35 12.64
C GLU B 30 8.55 -10.66 11.29
N ARG B 31 7.43 -11.41 11.25
CA ARG B 31 6.80 -11.69 9.97
C ARG B 31 6.23 -10.39 9.39
N ILE B 32 5.74 -9.48 10.25
CA ILE B 32 5.17 -8.23 9.76
C ILE B 32 6.24 -7.33 9.16
N LEU B 33 7.41 -7.27 9.82
CA LEU B 33 8.53 -6.45 9.36
C LEU B 33 9.16 -7.02 8.07
N GLU B 34 9.15 -8.34 7.95
CA GLU B 34 9.59 -8.92 6.70
C GLU B 34 8.63 -8.49 5.57
N ALA B 35 7.31 -8.52 5.79
CA ALA B 35 6.36 -8.06 4.78
C ALA B 35 6.68 -6.62 4.42
N ALA B 36 7.00 -5.78 5.43
CA ALA B 36 7.17 -4.36 5.16
C ALA B 36 8.40 -4.16 4.26
N ARG B 37 9.47 -4.89 4.61
CA ARG B 37 10.78 -4.73 3.96
C ARG B 37 10.73 -5.09 2.48
N LEU B 38 9.94 -6.13 2.20
CA LEU B 38 9.74 -6.70 0.88
C LEU B 38 8.75 -5.89 0.04
N SER B 39 8.19 -4.80 0.55
CA SER B 39 7.32 -3.94 -0.28
C SER B 39 8.03 -3.47 -1.55
N PRO B 40 7.29 -3.31 -2.68
CA PRO B 40 7.84 -2.61 -3.83
C PRO B 40 7.99 -1.10 -3.56
N SER B 41 8.81 -0.42 -4.39
CA SER B 41 9.02 1.03 -4.34
C SER B 41 9.58 1.51 -5.69
N ALA B 42 9.24 2.75 -6.13
CA ALA B 42 9.83 3.26 -7.39
C ALA B 42 11.36 3.14 -7.30
N CYS B 43 11.97 2.60 -8.37
CA CYS B 43 13.43 2.48 -8.52
C CYS B 43 13.99 1.52 -7.47
N ASN B 44 13.12 0.81 -6.73
CA ASN B 44 13.59 -0.01 -5.62
C ASN B 44 14.37 0.83 -4.61
N ALA B 45 14.04 2.14 -4.50
CA ALA B 45 14.74 3.03 -3.59
C ALA B 45 14.45 2.74 -2.11
N GLN B 46 13.32 2.09 -1.79
CA GLN B 46 13.02 1.74 -0.39
C GLN B 46 13.29 2.87 0.59
N PRO B 47 12.63 4.02 0.42
CA PRO B 47 13.04 5.24 1.14
C PRO B 47 12.39 5.37 2.51
N TRP B 48 12.58 4.34 3.34
CA TRP B 48 11.88 4.15 4.58
C TRP B 48 12.86 3.60 5.62
N LYS B 49 12.50 3.84 6.86
CA LYS B 49 13.08 3.12 7.99
C LYS B 49 11.92 2.88 8.94
N PHE B 50 11.85 1.65 9.42
CA PHE B 50 10.81 1.27 10.38
C PHE B 50 11.42 1.24 11.77
N VAL B 51 10.97 2.17 12.61
CA VAL B 51 11.39 2.27 14.01
C VAL B 51 10.30 1.61 14.85
N VAL B 52 10.63 0.40 15.31
CA VAL B 52 9.70 -0.53 15.93
C VAL B 52 9.84 -0.43 17.44
N VAL B 53 8.79 0.12 18.06
CA VAL B 53 8.70 0.29 19.50
C VAL B 53 7.95 -0.89 20.09
N THR B 54 8.69 -1.69 20.87
CA THR B 54 8.23 -2.87 21.58
C THR B 54 8.42 -2.74 23.10
N ASP B 55 9.22 -1.78 23.56
CA ASP B 55 9.47 -1.61 24.99
C ASP B 55 8.20 -1.06 25.62
N HIS B 56 7.67 -1.76 26.66
CA HIS B 56 6.40 -1.44 27.30
C HIS B 56 6.30 0.05 27.63
N GLU B 57 7.29 0.60 28.34
CA GLU B 57 7.28 2.01 28.75
C GLU B 57 7.34 2.96 27.55
N LEU B 58 8.20 2.67 26.58
CA LEU B 58 8.34 3.54 25.41
C LEU B 58 7.05 3.50 24.59
N ALA B 59 6.46 2.31 24.42
CA ALA B 59 5.19 2.20 23.71
C ALA B 59 4.16 3.14 24.33
N LEU B 60 4.10 3.17 25.66
CA LEU B 60 3.12 3.93 26.41
C LEU B 60 3.29 5.39 26.03
N LYS B 61 4.56 5.83 26.05
CA LYS B 61 4.88 7.22 25.82
C LYS B 61 4.60 7.58 24.36
N VAL B 62 5.02 6.74 23.40
CA VAL B 62 4.75 7.05 21.99
C VAL B 62 3.24 7.08 21.73
N GLY B 63 2.53 6.11 22.29
CA GLY B 63 1.09 6.05 22.17
C GLY B 63 0.39 7.27 22.73
N ARG B 64 0.83 7.74 23.90
CA ARG B 64 0.27 8.95 24.49
C ARG B 64 0.57 10.11 23.57
N ALA B 65 1.77 10.15 22.95
CA ALA B 65 2.08 11.31 22.09
C ALA B 65 1.30 11.26 20.78
N ALA B 66 0.68 10.11 20.45
CA ALA B 66 -0.22 10.07 19.31
C ALA B 66 -1.61 10.66 19.58
N ALA B 67 -2.01 10.77 20.85
CA ALA B 67 -3.33 11.26 21.24
C ALA B 67 -3.43 12.78 21.13
N GLY B 68 -4.62 13.27 20.75
CA GLY B 68 -4.91 14.68 20.83
C GLY B 68 -6.24 14.99 20.18
N LEU B 69 -6.84 16.10 20.69
CA LEU B 69 -8.11 16.58 20.21
C LEU B 69 -9.16 15.49 20.34
N GLY B 70 -9.08 14.69 21.40
CA GLY B 70 -9.96 13.53 21.57
C GLY B 70 -9.80 12.43 20.49
N MET B 71 -8.72 12.39 19.69
CA MET B 71 -8.47 11.28 18.76
C MET B 71 -7.32 10.44 19.31
N ASN B 72 -7.25 9.18 18.85
CA ASN B 72 -6.06 8.35 19.06
C ASN B 72 -5.81 8.01 20.53
N LYS B 73 -6.80 8.14 21.43
CA LYS B 73 -6.62 7.82 22.85
C LYS B 73 -6.25 6.35 23.06
N PHE B 74 -6.72 5.47 22.16
CA PHE B 74 -6.41 4.05 22.24
C PHE B 74 -4.94 3.76 21.89
N ALA B 75 -4.19 4.70 21.27
CA ALA B 75 -2.83 4.38 20.83
C ALA B 75 -1.95 3.94 22.00
N LYS B 76 -2.12 4.52 23.22
CA LYS B 76 -1.30 4.19 24.36
C LYS B 76 -1.49 2.76 24.87
N ASP B 77 -2.58 2.13 24.44
CA ASP B 77 -2.86 0.73 24.79
C ASP B 77 -2.28 -0.27 23.81
N ALA B 78 -1.91 0.19 22.60
CA ALA B 78 -1.21 -0.68 21.66
C ALA B 78 0.19 -0.96 22.20
N PRO B 79 0.59 -2.24 22.34
CA PRO B 79 1.93 -2.57 22.84
C PRO B 79 3.05 -2.43 21.80
N VAL B 80 2.70 -2.35 20.50
CA VAL B 80 3.68 -2.11 19.46
C VAL B 80 3.29 -0.92 18.61
N HIS B 81 4.32 -0.14 18.22
CA HIS B 81 4.18 1.05 17.39
C HIS B 81 5.27 0.96 16.32
N ILE B 82 4.84 0.84 15.07
CA ILE B 82 5.77 0.86 13.96
C ILE B 82 5.78 2.25 13.34
N LEU B 83 6.85 2.99 13.64
CA LEU B 83 6.98 4.35 13.18
C LEU B 83 7.64 4.28 11.80
N ILE B 84 7.06 4.91 10.79
CA ILE B 84 7.63 4.86 9.44
C ILE B 84 8.25 6.23 9.16
N VAL B 85 9.57 6.25 9.02
CA VAL B 85 10.34 7.46 8.76
C VAL B 85 10.74 7.48 7.28
N GLU B 86 10.54 8.62 6.62
CA GLU B 86 10.97 8.81 5.27
C GLU B 86 12.49 8.96 5.21
N GLU B 87 13.14 8.16 4.36
CA GLU B 87 14.57 8.24 4.16
C GLU B 87 14.85 8.65 2.71
N SER B 88 14.62 9.94 2.37
CA SER B 88 14.63 10.47 1.00
C SER B 88 14.72 9.37 -0.06
N HIS B 103 5.85 12.95 -3.45
CA HIS B 103 6.16 12.18 -4.68
C HIS B 103 6.27 10.70 -4.29
N PHE B 104 7.23 10.01 -4.90
CA PHE B 104 7.29 8.57 -4.85
C PHE B 104 7.48 8.09 -3.42
N PRO B 105 8.36 8.69 -2.59
CA PRO B 105 8.47 8.27 -1.21
C PRO B 105 7.14 8.10 -0.49
N LEU B 106 6.22 9.04 -0.65
CA LEU B 106 4.91 8.95 -0.01
C LEU B 106 4.09 7.79 -0.57
N ILE B 107 4.12 7.59 -1.89
CA ILE B 107 3.41 6.46 -2.48
C ILE B 107 4.03 5.19 -1.89
N ASP B 108 5.35 5.16 -1.80
CA ASP B 108 6.09 3.99 -1.37
C ASP B 108 5.72 3.65 0.06
N ILE B 109 5.61 4.67 0.91
CA ILE B 109 5.26 4.46 2.32
C ILE B 109 3.84 3.94 2.49
N GLY B 110 2.88 4.40 1.67
CA GLY B 110 1.55 3.80 1.67
C GLY B 110 1.58 2.31 1.30
N ILE B 111 2.33 1.96 0.24
CA ILE B 111 2.59 0.56 -0.09
C ILE B 111 3.04 -0.22 1.15
N ALA B 112 4.08 0.27 1.82
CA ALA B 112 4.57 -0.41 2.98
C ALA B 112 3.53 -0.51 4.11
N ALA B 113 2.78 0.56 4.37
CA ALA B 113 1.71 0.52 5.35
C ALA B 113 0.65 -0.53 5.07
N ALA B 114 0.25 -0.70 3.78
CA ALA B 114 -0.68 -1.75 3.40
C ALA B 114 -0.07 -3.11 3.72
N HIS B 115 1.24 -3.27 3.43
CA HIS B 115 1.88 -4.56 3.71
C HIS B 115 1.89 -4.87 5.20
N ILE B 116 2.18 -3.85 6.04
CA ILE B 116 2.22 -4.04 7.47
C ILE B 116 0.82 -4.40 8.02
N THR B 117 -0.22 -3.66 7.66
CA THR B 117 -1.52 -3.92 8.25
C THR B 117 -2.14 -5.22 7.72
N LEU B 118 -1.94 -5.57 6.45
CA LEU B 118 -2.44 -6.85 5.96
C LEU B 118 -1.72 -8.00 6.66
N ALA B 119 -0.38 -7.85 6.82
CA ALA B 119 0.41 -8.86 7.51
C ALA B 119 -0.03 -9.00 8.97
N ALA B 120 -0.28 -7.89 9.66
CA ALA B 120 -0.76 -7.92 11.03
C ALA B 120 -2.07 -8.72 11.08
N GLU B 121 -3.05 -8.40 10.19
CA GLU B 121 -4.31 -9.11 10.19
C GLU B 121 -4.11 -10.60 9.90
N SER B 122 -3.16 -10.96 9.02
CA SER B 122 -2.99 -12.35 8.64
C SER B 122 -2.43 -13.14 9.83
N GLU B 123 -1.79 -12.46 10.78
CA GLU B 123 -1.22 -13.07 11.98
C GLU B 123 -2.24 -13.07 13.14
N GLY B 124 -3.46 -12.59 12.92
CA GLY B 124 -4.48 -12.49 13.94
C GLY B 124 -4.31 -11.29 14.85
N LEU B 125 -3.52 -10.31 14.43
CA LEU B 125 -3.34 -9.09 15.20
C LEU B 125 -4.17 -7.96 14.61
N GLY B 126 -4.53 -7.03 15.49
CA GLY B 126 -5.17 -5.76 15.13
C GLY B 126 -4.13 -4.68 14.78
N SER B 127 -4.59 -3.62 14.10
CA SER B 127 -3.70 -2.54 13.70
C SER B 127 -4.50 -1.27 13.50
N CYS B 128 -3.82 -0.15 13.55
CA CYS B 128 -4.38 1.10 13.08
C CYS B 128 -3.25 1.96 12.54
N ILE B 129 -3.43 2.44 11.30
CA ILE B 129 -2.55 3.45 10.72
C ILE B 129 -2.91 4.79 11.36
N LEU B 130 -1.91 5.51 11.87
CA LEU B 130 -2.07 6.84 12.44
C LEU B 130 -1.18 7.82 11.67
N GLY B 131 -1.84 8.79 11.06
CA GLY B 131 -1.21 9.86 10.30
C GLY B 131 -1.17 11.15 11.13
N TRP B 132 -1.94 11.18 12.23
CA TRP B 132 -2.05 12.32 13.13
C TRP B 132 -1.48 11.92 14.47
N PHE B 133 -0.56 12.74 14.91
CA PHE B 133 0.22 12.44 16.09
C PHE B 133 1.10 13.68 16.32
N ASP B 134 1.72 13.73 17.52
CA ASP B 134 2.66 14.80 17.86
C ASP B 134 4.03 14.32 17.43
N GLU B 135 4.38 14.66 16.19
CA GLU B 135 5.56 14.18 15.50
C GLU B 135 6.83 14.56 16.27
N LYS B 136 6.88 15.80 16.81
CA LYS B 136 8.04 16.28 17.55
C LYS B 136 8.26 15.50 18.82
N GLU B 137 7.21 15.29 19.61
CA GLU B 137 7.35 14.48 20.82
C GLU B 137 7.76 13.05 20.46
N ILE B 138 7.21 12.45 19.38
CA ILE B 138 7.54 11.05 19.13
C ILE B 138 9.00 10.95 18.70
N LYS B 139 9.43 11.87 17.86
CA LYS B 139 10.84 11.96 17.45
C LYS B 139 11.76 12.18 18.66
N GLN B 140 11.38 13.10 19.53
CA GLN B 140 12.19 13.37 20.73
C GLN B 140 12.28 12.11 21.62
N LEU B 141 11.16 11.36 21.78
CA LEU B 141 11.17 10.16 22.60
C LEU B 141 12.06 9.05 22.02
N THR B 142 12.14 8.93 20.70
CA THR B 142 12.68 7.71 20.11
C THR B 142 14.08 7.92 19.48
N GLY B 143 14.51 9.18 19.32
CA GLY B 143 15.83 9.54 18.82
C GLY B 143 15.80 9.90 17.32
N ILE B 144 14.63 10.10 16.72
CA ILE B 144 14.56 10.22 15.27
C ILE B 144 15.08 11.61 14.94
N PRO B 145 16.06 11.78 13.99
CA PRO B 145 16.57 13.10 13.64
C PRO B 145 15.43 14.09 13.42
N ALA B 146 15.61 15.28 14.01
CA ALA B 146 14.68 16.39 13.88
C ALA B 146 14.34 16.64 12.41
N SER B 147 15.30 16.38 11.50
CA SER B 147 15.22 16.77 10.11
C SER B 147 14.59 15.64 9.27
N LYS B 148 14.38 14.44 9.85
CA LYS B 148 13.77 13.34 9.12
C LYS B 148 12.26 13.36 9.35
N ARG B 149 11.45 13.09 8.31
CA ARG B 149 10.00 13.20 8.40
C ARG B 149 9.43 11.85 8.87
N LEU B 150 8.73 11.87 9.99
CA LEU B 150 8.05 10.70 10.52
C LEU B 150 6.64 10.78 9.97
N LEU B 151 6.24 9.79 9.17
CA LEU B 151 5.02 9.95 8.39
C LEU B 151 3.84 9.18 8.98
N LEU B 152 4.09 8.00 9.55
CA LEU B 152 3.01 7.21 10.09
C LEU B 152 3.51 6.54 11.36
N ASP B 153 2.57 6.30 12.27
CA ASP B 153 2.71 5.31 13.31
C ASP B 153 1.64 4.24 13.04
N ILE B 154 2.04 3.02 12.85
CA ILE B 154 1.09 1.91 12.86
C ILE B 154 1.14 1.23 14.22
N ALA B 155 0.06 1.42 14.97
CA ALA B 155 -0.23 0.70 16.21
C ALA B 155 -0.62 -0.75 15.89
N ILE B 156 -0.07 -1.70 16.65
CA ILE B 156 -0.27 -3.10 16.49
C ILE B 156 -0.54 -3.71 17.86
N GLY B 157 -1.57 -4.56 17.94
CA GLY B 157 -1.84 -5.31 19.14
C GLY B 157 -3.07 -6.19 18.98
N TYR B 158 -3.47 -6.90 20.04
CA TYR B 158 -4.68 -7.72 20.00
C TYR B 158 -5.88 -6.82 20.20
N PRO B 159 -6.96 -6.98 19.40
CA PRO B 159 -8.17 -6.14 19.49
C PRO B 159 -9.08 -6.50 20.65
N VAL B 160 -9.95 -5.59 21.04
CA VAL B 160 -11.00 -5.75 22.03
C VAL B 160 -12.35 -5.72 21.32
N LYS B 161 -12.52 -4.83 20.37
CA LYS B 161 -13.82 -4.64 19.71
C LYS B 161 -13.88 -5.46 18.43
N GLU B 162 -15.11 -5.76 17.99
CA GLU B 162 -15.35 -6.76 16.98
C GLU B 162 -15.15 -6.17 15.57
N LYS B 163 -15.39 -6.97 14.52
CA LYS B 163 -15.34 -6.55 13.14
C LYS B 163 -16.60 -5.75 12.79
N ARG B 164 -16.38 -4.67 12.02
CA ARG B 164 -17.42 -3.82 11.44
C ARG B 164 -17.44 -4.07 9.93
N LYS B 165 -18.62 -3.90 9.33
CA LYS B 165 -18.72 -3.73 7.88
C LYS B 165 -18.11 -2.38 7.46
N LYS B 166 -17.48 -2.43 6.31
CA LYS B 166 -16.78 -1.30 5.73
C LYS B 166 -17.79 -0.26 5.25
N MET B 167 -17.40 1.00 5.35
CA MET B 167 -18.03 2.05 4.59
C MET B 167 -17.03 2.53 3.54
N ARG B 168 -17.46 2.39 2.27
CA ARG B 168 -16.73 2.74 1.08
C ARG B 168 -17.70 3.40 0.10
N LYS B 169 -17.20 4.28 -0.78
CA LYS B 169 -17.96 4.78 -1.92
C LYS B 169 -18.44 3.61 -2.73
N THR B 170 -19.54 3.82 -3.48
CA THR B 170 -20.02 2.84 -4.45
C THR B 170 -18.97 2.61 -5.54
N LYS B 171 -19.02 1.42 -6.17
CA LYS B 171 -18.12 1.05 -7.23
C LYS B 171 -18.10 2.13 -8.30
N GLU B 172 -19.27 2.67 -8.64
CA GLU B 172 -19.39 3.55 -9.79
C GLU B 172 -18.70 4.89 -9.54
N LYS B 173 -18.63 5.34 -8.27
CA LYS B 173 -17.93 6.57 -7.95
C LYS B 173 -16.42 6.39 -8.07
N VAL B 174 -15.87 5.18 -7.79
CA VAL B 174 -14.41 5.01 -7.74
C VAL B 174 -13.85 4.19 -8.90
N ILE B 175 -14.68 3.55 -9.70
CA ILE B 175 -14.28 2.69 -10.82
C ILE B 175 -15.00 3.07 -12.11
N SER B 176 -14.23 3.33 -13.17
CA SER B 176 -14.82 3.43 -14.49
C SER B 176 -13.95 2.66 -15.47
N TYR B 177 -14.59 2.07 -16.46
CA TYR B 177 -13.94 1.28 -17.49
C TYR B 177 -13.71 2.07 -18.77
N ASN B 178 -12.44 2.07 -19.27
CA ASN B 178 -12.03 2.58 -20.58
C ASN B 178 -12.06 4.11 -20.70
N ARG B 179 -12.67 4.82 -19.77
CA ARG B 179 -12.88 6.27 -19.86
C ARG B 179 -13.20 6.78 -18.45
N TYR B 180 -12.70 7.97 -18.12
CA TYR B 180 -12.85 8.58 -16.82
C TYR B 180 -14.32 8.71 -16.31
#